data_3J2I
#
_entry.id   3J2I
#
_cell.length_a   1
_cell.length_b   1
_cell.length_c   1
_cell.angle_alpha   90
_cell.angle_beta   90
_cell.angle_gamma   90
#
_symmetry.space_group_name_H-M   'P 1'
#
loop_
_entity.id
_entity.type
_entity.pdbx_description
1 polymer 'Eukaryotic translation initiation factor 6'
2 polymer 'Proliferation-associated protein 2G4'
#
loop_
_entity_poly.entity_id
_entity_poly.type
_entity_poly.pdbx_seq_one_letter_code
_entity_poly.pdbx_strand_id
1 'polypeptide(L)'
;MATRTQFENSNEIGVFSKLTNTYCLVAVGGSENFYSAFEAELGDAIPIVHTTIAGTRIIGRMTAGNRRGLLVPTQTTDQE
LQHLRNSLPDSVKIQRVEERLSALGNVICCNDYVALVHPDIDRETEELISDVLGVEVFRQTISGNILVGSYCSLSNQGGL
VHPQTSVQDQEELSSLLQVPLVAGTVNRGSSVVGAGMVVNDYLAVTGLDTTAPELSVIESIFRLQDAQPESISGNLRDTL
IETYS
;
B
2 'polypeptide(L)'
;MSGEDEQQEQTIAEDLVVTKYKMGGDIANRVLRSLVEASSSGVSVLSLCEKGDAMIMEETGKIFKKEKEMKKGIAFPTSI
SVNNCVCHFSPLKSDQDYILKEGDLVKIDLGVHVDGFIANVAHTFVVDVAQGTQVTGRKADVIKAAHLCAEAALRLVKPG
NQNTQVTEAWNKVAHSFNCTPIEGMLSHQLKQHVIDGEKTIIQNPTDQQKKDHEKAEFEVHEVYAVDVLVSSGEGKAKDA
GQRTTIYKRDPSKQYGLKMKTSRAFFSEVERRFDAMPFTLRAFEDEKKARMGVVECAKHELLQPFNVLYEKEGEFVAQFK
FTVLLMPNGPMRITSGPFEPDLYKSEMEVQDAELKALLQSSASRKTQKKKKKKASKTAENATSGETLEENEAGD
;
A
#
# COMPACT_ATOMS: atom_id res chain seq x y z
N MET A 1 -12.29 -54.68 -90.91
CA MET A 1 -13.36 -53.83 -91.49
C MET A 1 -13.59 -52.51 -90.76
N ALA A 2 -14.66 -51.80 -91.14
CA ALA A 2 -15.02 -50.53 -90.54
C ALA A 2 -16.39 -50.64 -89.89
N THR A 3 -16.48 -50.28 -88.62
CA THR A 3 -17.75 -50.35 -87.89
C THR A 3 -18.17 -49.00 -87.33
N ARG A 4 -19.43 -48.94 -86.90
CA ARG A 4 -19.97 -47.73 -86.30
C ARG A 4 -20.41 -48.03 -84.87
N THR A 5 -20.33 -47.04 -84.01
CA THR A 5 -20.75 -47.17 -82.62
C THR A 5 -20.87 -45.79 -82.04
N GLN A 6 -21.18 -45.74 -80.76
CA GLN A 6 -21.33 -44.49 -80.02
C GLN A 6 -20.95 -44.71 -78.56
N PHE A 7 -20.45 -43.65 -77.94
CA PHE A 7 -20.14 -43.71 -76.52
C PHE A 7 -21.34 -42.91 -76.02
N GLU A 8 -22.29 -43.62 -75.40
CA GLU A 8 -23.53 -43.00 -74.97
C GLU A 8 -24.18 -42.63 -76.29
N ASN A 9 -24.45 -41.36 -76.52
CA ASN A 9 -25.05 -40.96 -77.79
C ASN A 9 -24.10 -40.11 -78.61
N SER A 10 -22.81 -40.20 -78.27
CA SER A 10 -21.75 -39.47 -78.96
C SER A 10 -21.10 -40.30 -80.06
N ASN A 11 -20.90 -39.68 -81.23
CA ASN A 11 -20.29 -40.34 -82.38
C ASN A 11 -18.78 -40.16 -82.39
N GLU A 12 -18.27 -39.28 -81.54
CA GLU A 12 -16.85 -38.99 -81.51
C GLU A 12 -16.05 -40.06 -80.79
N ILE A 13 -15.86 -41.18 -81.48
CA ILE A 13 -15.14 -42.33 -80.95
C ILE A 13 -13.72 -41.96 -80.58
N GLY A 14 -13.11 -41.13 -81.42
CA GLY A 14 -11.74 -40.70 -81.17
C GLY A 14 -11.55 -39.98 -79.84
N VAL A 15 -12.65 -39.49 -79.27
CA VAL A 15 -12.55 -38.82 -77.99
C VAL A 15 -12.44 -39.79 -76.82
N PHE A 16 -13.13 -40.94 -76.93
CA PHE A 16 -13.14 -41.94 -75.86
C PHE A 16 -12.31 -43.19 -76.11
N SER A 17 -11.55 -43.23 -77.21
CA SER A 17 -10.73 -44.40 -77.48
C SER A 17 -9.48 -44.03 -78.26
N LYS A 18 -8.46 -44.88 -78.10
CA LYS A 18 -7.18 -44.72 -78.76
C LYS A 18 -6.81 -46.09 -79.32
N LEU A 19 -6.62 -46.17 -80.63
CA LEU A 19 -6.30 -47.42 -81.28
C LEU A 19 -4.98 -47.39 -82.03
N THR A 20 -4.15 -48.41 -81.83
CA THR A 20 -2.89 -48.50 -82.56
C THR A 20 -2.84 -49.90 -83.12
N ASN A 21 -1.71 -50.28 -83.71
CA ASN A 21 -1.59 -51.61 -84.28
C ASN A 21 -1.26 -52.67 -83.23
N THR A 22 -0.80 -52.23 -82.07
CA THR A 22 -0.45 -53.16 -81.00
C THR A 22 -1.30 -53.05 -79.73
N TYR A 23 -2.20 -52.08 -79.66
CA TYR A 23 -3.05 -51.95 -78.49
C TYR A 23 -4.24 -51.01 -78.68
N CYS A 24 -5.23 -51.16 -77.79
CA CYS A 24 -6.42 -50.32 -77.84
C CYS A 24 -6.78 -49.85 -76.43
N LEU A 25 -6.98 -48.55 -76.29
CA LEU A 25 -7.35 -47.95 -75.02
C LEU A 25 -8.79 -47.48 -75.13
N VAL A 26 -9.61 -47.81 -74.13
CA VAL A 26 -11.00 -47.38 -74.13
C VAL A 26 -11.35 -46.77 -72.78
N ALA A 27 -12.29 -45.83 -72.77
CA ALA A 27 -12.71 -45.21 -71.52
C ALA A 27 -13.29 -46.28 -70.58
N VAL A 28 -13.01 -46.12 -69.28
CA VAL A 28 -13.46 -47.05 -68.25
C VAL A 28 -14.96 -47.27 -68.09
N GLY A 29 -15.76 -46.23 -68.30
CA GLY A 29 -17.19 -46.40 -68.10
C GLY A 29 -18.06 -46.48 -69.34
N GLY A 30 -17.65 -47.30 -70.31
CA GLY A 30 -18.44 -47.43 -71.52
C GLY A 30 -19.47 -48.53 -71.41
N SER A 31 -20.35 -48.64 -72.41
CA SER A 31 -21.37 -49.67 -72.43
C SER A 31 -20.89 -50.86 -73.27
N GLU A 32 -21.62 -51.96 -73.21
CA GLU A 32 -21.25 -53.16 -73.95
C GLU A 32 -21.26 -52.90 -75.46
N ASN A 33 -22.25 -52.17 -75.93
CA ASN A 33 -22.36 -51.88 -77.36
C ASN A 33 -21.11 -51.16 -77.84
N PHE A 34 -20.56 -50.29 -76.99
CA PHE A 34 -19.35 -49.53 -77.32
C PHE A 34 -18.12 -50.43 -77.31
N TYR A 35 -17.92 -51.16 -76.21
CA TYR A 35 -16.77 -52.05 -76.07
C TYR A 35 -16.74 -53.13 -77.14
N SER A 36 -17.90 -53.73 -77.40
CA SER A 36 -18.03 -54.78 -78.40
C SER A 36 -17.48 -54.35 -79.75
N ALA A 37 -17.78 -53.11 -80.13
CA ALA A 37 -17.33 -52.56 -81.39
C ALA A 37 -15.86 -52.90 -81.63
N PHE A 38 -15.10 -53.02 -80.55
CA PHE A 38 -13.69 -53.34 -80.65
C PHE A 38 -13.48 -54.82 -80.38
N GLU A 39 -13.97 -55.28 -79.23
CA GLU A 39 -13.83 -56.68 -78.87
C GLU A 39 -14.24 -57.63 -80.01
N ALA A 40 -15.33 -57.29 -80.68
CA ALA A 40 -15.85 -58.12 -81.76
C ALA A 40 -14.91 -58.32 -82.95
N GLU A 41 -14.04 -57.34 -83.21
CA GLU A 41 -13.13 -57.49 -84.34
C GLU A 41 -11.65 -57.48 -84.00
N LEU A 42 -11.35 -57.29 -82.72
CA LEU A 42 -9.96 -57.29 -82.24
C LEU A 42 -9.77 -58.60 -81.49
N GLY A 43 -10.87 -59.15 -81.00
CA GLY A 43 -10.82 -60.40 -80.27
C GLY A 43 -9.65 -60.46 -79.32
N ASP A 44 -8.99 -61.62 -79.27
CA ASP A 44 -7.83 -61.81 -78.41
C ASP A 44 -6.56 -61.37 -79.13
N ALA A 45 -6.73 -60.66 -80.24
CA ALA A 45 -5.61 -60.18 -81.06
C ALA A 45 -4.70 -59.20 -80.33
N ILE A 46 -5.26 -58.06 -79.90
CA ILE A 46 -4.47 -57.07 -79.18
C ILE A 46 -5.17 -56.65 -77.88
N PRO A 47 -4.40 -56.23 -76.88
CA PRO A 47 -4.92 -55.81 -75.58
C PRO A 47 -5.91 -54.64 -75.69
N ILE A 48 -7.04 -54.76 -74.99
CA ILE A 48 -8.04 -53.70 -74.96
C ILE A 48 -8.05 -53.20 -73.50
N VAL A 49 -7.26 -52.17 -73.26
CA VAL A 49 -7.10 -51.59 -71.92
C VAL A 49 -8.09 -50.50 -71.53
N HIS A 50 -8.90 -50.77 -70.51
CA HIS A 50 -9.85 -49.77 -70.03
C HIS A 50 -9.02 -48.83 -69.16
N THR A 51 -9.32 -47.54 -69.20
CA THR A 51 -8.53 -46.61 -68.42
C THR A 51 -9.12 -45.21 -68.34
N THR A 52 -8.51 -44.43 -67.46
CA THR A 52 -8.84 -43.04 -67.27
C THR A 52 -7.47 -42.36 -67.39
N ILE A 53 -7.48 -41.09 -67.76
CA ILE A 53 -6.25 -40.32 -67.89
C ILE A 53 -6.49 -39.03 -67.12
N ALA A 54 -5.69 -38.81 -66.08
CA ALA A 54 -5.81 -37.62 -65.24
C ALA A 54 -7.19 -37.60 -64.61
N GLY A 55 -7.78 -38.78 -64.45
CA GLY A 55 -9.10 -38.89 -63.85
C GLY A 55 -10.26 -38.74 -64.80
N THR A 56 -9.99 -38.33 -66.03
CA THR A 56 -11.05 -38.13 -67.02
C THR A 56 -11.26 -39.37 -67.88
N ARG A 57 -12.36 -39.41 -68.62
CA ARG A 57 -12.63 -40.54 -69.50
C ARG A 57 -12.49 -40.22 -70.99
N ILE A 58 -12.04 -39.00 -71.30
CA ILE A 58 -11.83 -38.61 -72.69
C ILE A 58 -10.40 -39.00 -73.08
N ILE A 59 -10.05 -40.25 -72.77
CA ILE A 59 -8.71 -40.78 -73.04
C ILE A 59 -8.20 -40.64 -74.48
N GLY A 60 -9.10 -40.56 -75.45
CA GLY A 60 -8.68 -40.41 -76.83
C GLY A 60 -8.05 -39.05 -77.12
N ARG A 61 -8.56 -38.01 -76.49
CA ARG A 61 -8.03 -36.67 -76.69
C ARG A 61 -6.88 -36.39 -75.73
N MET A 62 -6.87 -37.09 -74.60
CA MET A 62 -5.85 -36.90 -73.57
C MET A 62 -4.53 -37.63 -73.84
N THR A 63 -4.52 -38.53 -74.83
CA THR A 63 -3.29 -39.25 -75.13
C THR A 63 -2.97 -39.28 -76.62
N ALA A 64 -1.74 -39.67 -76.92
CA ALA A 64 -1.29 -39.79 -78.29
C ALA A 64 -0.27 -40.92 -78.28
N GLY A 65 -0.17 -41.64 -79.38
CA GLY A 65 0.78 -42.73 -79.42
C GLY A 65 0.59 -43.64 -80.61
N ASN A 66 1.49 -44.61 -80.74
CA ASN A 66 1.44 -45.57 -81.82
C ASN A 66 1.86 -46.91 -81.26
N ARG A 67 2.26 -47.84 -82.12
CA ARG A 67 2.67 -49.17 -81.68
C ARG A 67 3.86 -49.20 -80.71
N ARG A 68 4.80 -48.28 -80.89
CA ARG A 68 6.00 -48.22 -80.05
C ARG A 68 5.87 -47.48 -78.75
N GLY A 69 5.03 -46.45 -78.71
CA GLY A 69 4.89 -45.71 -77.47
C GLY A 69 3.59 -44.96 -77.31
N LEU A 70 3.37 -44.53 -76.07
CA LEU A 70 2.17 -43.79 -75.71
C LEU A 70 2.60 -42.59 -74.88
N LEU A 71 2.05 -41.43 -75.21
CA LEU A 71 2.35 -40.19 -74.52
C LEU A 71 1.14 -39.81 -73.67
N VAL A 72 1.40 -39.49 -72.40
CA VAL A 72 0.31 -39.11 -71.51
C VAL A 72 0.64 -37.81 -70.81
N PRO A 73 -0.38 -37.02 -70.49
CA PRO A 73 -0.15 -35.74 -69.80
C PRO A 73 0.49 -35.93 -68.43
N THR A 74 1.11 -34.88 -67.92
CA THR A 74 1.78 -34.93 -66.62
C THR A 74 0.80 -35.38 -65.55
N GLN A 75 -0.40 -34.81 -65.58
CA GLN A 75 -1.46 -35.11 -64.62
C GLN A 75 -1.95 -36.55 -64.61
N THR A 76 -1.33 -37.42 -65.39
CA THR A 76 -1.71 -38.83 -65.39
C THR A 76 -1.30 -39.30 -64.01
N THR A 77 -2.21 -39.93 -63.27
CA THR A 77 -1.87 -40.40 -61.94
C THR A 77 -0.98 -41.64 -62.01
N ASP A 78 -0.23 -41.88 -60.95
CA ASP A 78 0.67 -43.04 -60.89
C ASP A 78 -0.10 -44.35 -60.95
N GLN A 79 -1.35 -44.31 -60.50
CA GLN A 79 -2.19 -45.51 -60.52
C GLN A 79 -2.57 -45.83 -61.95
N GLU A 80 -2.93 -44.81 -62.72
CA GLU A 80 -3.31 -45.01 -64.12
C GLU A 80 -2.09 -45.44 -64.90
N LEU A 81 -0.93 -44.86 -64.58
CA LEU A 81 0.31 -45.20 -65.26
C LEU A 81 0.71 -46.65 -64.97
N GLN A 82 0.63 -47.05 -63.71
CA GLN A 82 0.98 -48.42 -63.34
C GLN A 82 0.02 -49.38 -64.03
N HIS A 83 -1.26 -49.02 -64.08
CA HIS A 83 -2.23 -49.88 -64.74
C HIS A 83 -1.93 -49.99 -66.24
N LEU A 84 -1.44 -48.91 -66.84
CA LEU A 84 -1.13 -48.94 -68.27
C LEU A 84 0.10 -49.80 -68.53
N ARG A 85 1.18 -49.56 -67.79
CA ARG A 85 2.40 -50.33 -67.95
C ARG A 85 2.12 -51.82 -67.85
N ASN A 86 1.27 -52.21 -66.89
CA ASN A 86 0.94 -53.62 -66.69
C ASN A 86 0.10 -54.23 -67.81
N SER A 87 -0.84 -53.47 -68.35
CA SER A 87 -1.71 -53.98 -69.40
C SER A 87 -1.12 -53.97 -70.81
N LEU A 88 -0.39 -52.92 -71.16
CA LEU A 88 0.21 -52.80 -72.49
C LEU A 88 1.49 -53.62 -72.61
N PRO A 89 1.78 -54.13 -73.81
CA PRO A 89 2.99 -54.92 -74.06
C PRO A 89 4.25 -54.17 -73.66
N ASP A 90 5.28 -54.92 -73.28
CA ASP A 90 6.56 -54.35 -72.84
C ASP A 90 7.29 -53.52 -73.88
N SER A 91 7.07 -53.82 -75.15
CA SER A 91 7.73 -53.10 -76.23
C SER A 91 7.25 -51.65 -76.40
N VAL A 92 6.17 -51.28 -75.73
CA VAL A 92 5.65 -49.91 -75.84
C VAL A 92 6.06 -49.05 -74.66
N LYS A 93 6.67 -47.91 -74.95
CA LYS A 93 7.13 -46.98 -73.92
C LYS A 93 6.00 -46.00 -73.56
N ILE A 94 5.83 -45.76 -72.27
CA ILE A 94 4.80 -44.86 -71.79
C ILE A 94 5.55 -43.72 -71.13
N GLN A 95 5.39 -42.53 -71.70
CA GLN A 95 6.08 -41.35 -71.22
C GLN A 95 5.12 -40.20 -70.93
N ARG A 96 5.37 -39.50 -69.82
CA ARG A 96 4.56 -38.34 -69.48
C ARG A 96 5.13 -37.18 -70.27
N VAL A 97 4.27 -36.33 -70.81
CA VAL A 97 4.76 -35.20 -71.57
C VAL A 97 4.16 -33.94 -70.97
N GLU A 98 4.98 -32.92 -70.86
CA GLU A 98 4.54 -31.66 -70.29
C GLU A 98 4.42 -30.59 -71.37
N GLU A 99 3.21 -30.44 -71.91
CA GLU A 99 2.93 -29.45 -72.93
C GLU A 99 1.55 -28.90 -72.63
N ARG A 100 1.37 -27.59 -72.76
CA ARG A 100 0.10 -26.98 -72.44
C ARG A 100 -0.65 -26.32 -73.59
N LEU A 101 -0.23 -26.60 -74.83
CA LEU A 101 -0.89 -26.02 -75.98
C LEU A 101 -2.35 -26.46 -76.02
N SER A 102 -2.57 -27.76 -75.80
CA SER A 102 -3.89 -28.36 -75.80
C SER A 102 -3.74 -29.80 -75.33
N ALA A 103 -4.78 -30.62 -75.48
CA ALA A 103 -4.69 -32.01 -75.06
C ALA A 103 -3.75 -32.73 -76.04
N LEU A 104 -2.93 -33.62 -75.51
CA LEU A 104 -1.99 -34.34 -76.34
C LEU A 104 -2.61 -34.86 -77.64
N GLY A 105 -3.79 -35.45 -77.53
CA GLY A 105 -4.47 -35.99 -78.69
C GLY A 105 -4.83 -35.00 -79.78
N ASN A 106 -4.83 -33.70 -79.47
CA ASN A 106 -5.16 -32.68 -80.46
C ASN A 106 -3.89 -32.10 -81.06
N VAL A 107 -2.83 -32.11 -80.27
CA VAL A 107 -1.54 -31.56 -80.64
C VAL A 107 -0.72 -32.51 -81.50
N ILE A 108 -0.91 -33.82 -81.30
CA ILE A 108 -0.15 -34.82 -82.03
C ILE A 108 -0.97 -35.73 -82.92
N CYS A 109 -0.46 -35.99 -84.12
CA CYS A 109 -1.10 -36.84 -85.10
C CYS A 109 -0.04 -37.79 -85.66
N CYS A 110 -0.21 -39.09 -85.46
CA CYS A 110 0.83 -40.00 -85.92
C CYS A 110 0.40 -41.37 -86.35
N ASN A 111 1.35 -42.07 -86.96
CA ASN A 111 1.18 -43.44 -87.38
C ASN A 111 2.50 -44.05 -86.90
N ASP A 112 2.91 -45.20 -87.42
CA ASP A 112 4.15 -45.78 -86.94
C ASP A 112 5.41 -45.24 -87.62
N TYR A 113 5.26 -44.27 -88.52
CA TYR A 113 6.41 -43.72 -89.23
C TYR A 113 6.63 -42.23 -89.08
N VAL A 114 5.54 -41.45 -89.15
CA VAL A 114 5.65 -40.02 -89.05
C VAL A 114 4.63 -39.43 -88.08
N ALA A 115 4.92 -38.25 -87.57
CA ALA A 115 4.00 -37.58 -86.65
C ALA A 115 3.98 -36.08 -86.91
N LEU A 116 2.79 -35.50 -86.94
CA LEU A 116 2.68 -34.05 -87.13
C LEU A 116 2.42 -33.48 -85.74
N VAL A 117 3.04 -32.34 -85.44
CA VAL A 117 2.82 -31.70 -84.15
C VAL A 117 2.37 -30.26 -84.30
N HIS A 118 1.72 -29.77 -83.25
CA HIS A 118 1.25 -28.40 -83.18
C HIS A 118 2.45 -27.56 -83.64
N PRO A 119 2.25 -26.61 -84.54
CA PRO A 119 3.36 -25.78 -85.02
C PRO A 119 4.09 -24.92 -83.99
N ASP A 120 3.49 -24.72 -82.82
CA ASP A 120 4.13 -23.89 -81.79
C ASP A 120 4.86 -24.68 -80.72
N ILE A 121 4.92 -25.99 -80.91
CA ILE A 121 5.61 -26.84 -79.94
C ILE A 121 7.09 -26.48 -79.84
N ASP A 122 7.66 -26.65 -78.66
CA ASP A 122 9.07 -26.34 -78.43
C ASP A 122 9.95 -27.48 -78.91
N ARG A 123 11.20 -27.16 -79.21
CA ARG A 123 12.15 -28.13 -79.70
C ARG A 123 12.37 -29.30 -78.74
N GLU A 124 12.60 -29.02 -77.47
CA GLU A 124 12.83 -30.10 -76.50
C GLU A 124 11.71 -31.13 -76.59
N THR A 125 10.47 -30.65 -76.58
CA THR A 125 9.29 -31.53 -76.64
C THR A 125 9.18 -32.28 -77.95
N GLU A 126 9.50 -31.62 -79.06
CA GLU A 126 9.41 -32.27 -80.36
C GLU A 126 10.43 -33.42 -80.46
N GLU A 127 11.54 -33.31 -79.75
CA GLU A 127 12.55 -34.36 -79.79
C GLU A 127 12.10 -35.53 -78.92
N LEU A 128 11.42 -35.22 -77.81
CA LEU A 128 10.93 -36.22 -76.89
C LEU A 128 9.91 -37.10 -77.59
N ILE A 129 9.03 -36.46 -78.35
CA ILE A 129 7.99 -37.15 -79.09
C ILE A 129 8.62 -38.10 -80.11
N SER A 130 9.55 -37.56 -80.89
CA SER A 130 10.25 -38.36 -81.89
C SER A 130 10.93 -39.53 -81.23
N ASP A 131 11.57 -39.26 -80.10
CA ASP A 131 12.29 -40.25 -79.32
C ASP A 131 11.36 -41.38 -78.85
N VAL A 132 10.39 -41.03 -78.01
CA VAL A 132 9.45 -42.03 -77.48
C VAL A 132 8.65 -42.79 -78.53
N LEU A 133 8.18 -42.09 -79.56
CA LEU A 133 7.40 -42.74 -80.60
C LEU A 133 8.28 -43.33 -81.69
N GLY A 134 9.59 -43.02 -81.61
CA GLY A 134 10.53 -43.51 -82.60
C GLY A 134 10.00 -43.19 -83.98
N VAL A 135 9.70 -41.91 -84.20
CA VAL A 135 9.12 -41.46 -85.44
C VAL A 135 9.73 -40.14 -85.88
N GLU A 136 9.54 -39.76 -87.13
CA GLU A 136 10.02 -38.48 -87.64
C GLU A 136 8.91 -37.50 -87.32
N VAL A 137 9.27 -36.36 -86.72
CA VAL A 137 8.29 -35.34 -86.35
C VAL A 137 8.37 -34.07 -87.19
N PHE A 138 7.21 -33.56 -87.58
CA PHE A 138 7.15 -32.33 -88.36
C PHE A 138 6.05 -31.43 -87.83
N ARG A 139 6.40 -30.16 -87.62
CA ARG A 139 5.43 -29.18 -87.17
C ARG A 139 4.63 -28.84 -88.42
N GLN A 140 3.32 -28.93 -88.31
CA GLN A 140 2.46 -28.67 -89.45
C GLN A 140 1.11 -28.13 -89.04
N THR A 141 0.31 -27.77 -90.04
CA THR A 141 -1.05 -27.30 -89.82
C THR A 141 -1.86 -27.94 -90.93
N ILE A 142 -3.03 -28.46 -90.58
CA ILE A 142 -3.89 -29.08 -91.58
C ILE A 142 -4.97 -28.06 -91.92
N SER A 143 -4.92 -27.54 -93.14
CA SER A 143 -5.90 -26.55 -93.59
C SER A 143 -5.95 -25.38 -92.61
N GLY A 144 -4.78 -25.00 -92.10
CA GLY A 144 -4.71 -23.88 -91.17
C GLY A 144 -4.85 -24.18 -89.70
N ASN A 145 -5.49 -25.29 -89.34
CA ASN A 145 -5.66 -25.64 -87.94
C ASN A 145 -4.36 -26.10 -87.31
N ILE A 146 -4.11 -25.66 -86.07
CA ILE A 146 -2.91 -26.03 -85.36
C ILE A 146 -3.13 -27.33 -84.60
N LEU A 147 -4.39 -27.68 -84.37
CA LEU A 147 -4.72 -28.91 -83.67
C LEU A 147 -4.71 -30.08 -84.65
N VAL A 148 -3.51 -30.43 -85.12
CA VAL A 148 -3.34 -31.49 -86.09
C VAL A 148 -3.97 -32.83 -85.71
N GLY A 149 -3.83 -33.26 -84.47
CA GLY A 149 -4.40 -34.53 -84.06
C GLY A 149 -5.92 -34.54 -84.07
N SER A 150 -6.50 -33.36 -84.19
CA SER A 150 -7.94 -33.23 -84.19
C SER A 150 -8.53 -33.16 -85.58
N TYR A 151 -7.70 -32.82 -86.56
CA TYR A 151 -8.17 -32.72 -87.94
C TYR A 151 -7.47 -33.69 -88.89
N CYS A 152 -7.03 -34.82 -88.35
CA CYS A 152 -6.37 -35.80 -89.17
C CYS A 152 -6.40 -37.18 -88.54
N SER A 153 -6.93 -38.15 -89.28
CA SER A 153 -6.99 -39.52 -88.80
C SER A 153 -5.95 -40.23 -89.65
N LEU A 154 -5.04 -40.95 -89.01
CA LEU A 154 -3.94 -41.57 -89.74
C LEU A 154 -3.57 -43.00 -89.35
N SER A 155 -3.24 -43.80 -90.34
CA SER A 155 -2.79 -45.16 -90.11
C SER A 155 -1.58 -45.30 -91.03
N ASN A 156 -1.07 -46.51 -91.19
CA ASN A 156 0.08 -46.71 -92.05
C ASN A 156 -0.38 -46.99 -93.47
N GLN A 157 -1.69 -47.06 -93.65
CA GLN A 157 -2.29 -47.35 -94.94
C GLN A 157 -2.71 -46.11 -95.71
N GLY A 158 -3.30 -45.17 -95.00
CA GLY A 158 -3.77 -43.94 -95.61
C GLY A 158 -4.12 -42.93 -94.53
N GLY A 159 -4.80 -41.87 -94.91
CA GLY A 159 -5.17 -40.85 -93.96
C GLY A 159 -6.31 -40.00 -94.46
N LEU A 160 -7.00 -39.34 -93.54
CA LEU A 160 -8.12 -38.48 -93.88
C LEU A 160 -7.87 -37.12 -93.20
N VAL A 161 -8.03 -36.04 -93.95
CA VAL A 161 -7.80 -34.71 -93.41
C VAL A 161 -8.99 -33.79 -93.60
N HIS A 162 -8.92 -32.64 -92.93
CA HIS A 162 -9.96 -31.62 -92.98
C HIS A 162 -10.45 -31.50 -94.43
N PRO A 163 -11.78 -31.51 -94.62
CA PRO A 163 -12.40 -31.43 -95.96
C PRO A 163 -12.01 -30.23 -96.81
N GLN A 164 -11.50 -29.18 -96.18
CA GLN A 164 -11.12 -28.01 -96.96
C GLN A 164 -9.64 -27.94 -97.30
N THR A 165 -8.87 -28.94 -96.84
CA THR A 165 -7.45 -28.99 -97.13
C THR A 165 -7.30 -28.92 -98.65
N SER A 166 -6.47 -28.01 -99.13
CA SER A 166 -6.24 -27.87 -100.55
C SER A 166 -5.60 -29.13 -101.09
N VAL A 167 -5.72 -29.33 -102.40
CA VAL A 167 -5.13 -30.50 -103.03
C VAL A 167 -3.63 -30.41 -102.92
N GLN A 168 -3.12 -29.19 -102.89
CA GLN A 168 -1.68 -28.99 -102.82
C GLN A 168 -1.12 -29.44 -101.48
N ASP A 169 -1.86 -29.22 -100.41
CA ASP A 169 -1.42 -29.63 -99.09
C ASP A 169 -1.57 -31.15 -98.97
N GLN A 170 -2.62 -31.65 -99.60
CA GLN A 170 -2.90 -33.08 -99.58
C GLN A 170 -1.77 -33.83 -100.25
N GLU A 171 -1.29 -33.30 -101.37
CA GLU A 171 -0.22 -33.94 -102.12
C GLU A 171 1.08 -33.90 -101.33
N GLU A 172 1.34 -32.76 -100.70
CA GLU A 172 2.55 -32.54 -99.92
C GLU A 172 2.50 -33.37 -98.64
N LEU A 173 1.32 -33.40 -98.00
CA LEU A 173 1.15 -34.18 -96.79
C LEU A 173 1.25 -35.68 -97.09
N SER A 174 0.70 -36.11 -98.22
CA SER A 174 0.79 -37.51 -98.60
C SER A 174 2.26 -37.90 -98.62
N SER A 175 3.07 -37.11 -99.32
CA SER A 175 4.51 -37.36 -99.44
C SER A 175 5.17 -37.37 -98.08
N LEU A 176 4.82 -36.38 -97.26
CA LEU A 176 5.39 -36.25 -95.93
C LEU A 176 5.06 -37.42 -95.00
N LEU A 177 3.82 -37.89 -95.05
CA LEU A 177 3.38 -38.99 -94.20
C LEU A 177 3.58 -40.36 -94.84
N GLN A 178 3.92 -40.36 -96.13
CA GLN A 178 4.16 -41.60 -96.86
C GLN A 178 2.91 -42.48 -96.99
N VAL A 179 1.74 -41.85 -97.07
CA VAL A 179 0.48 -42.57 -97.23
C VAL A 179 -0.47 -41.69 -98.01
N PRO A 180 -1.43 -42.31 -98.72
CA PRO A 180 -2.40 -41.53 -99.51
C PRO A 180 -3.29 -40.74 -98.56
N LEU A 181 -3.43 -39.45 -98.80
CA LEU A 181 -4.29 -38.59 -97.98
C LEU A 181 -5.42 -38.02 -98.82
N VAL A 182 -6.60 -37.94 -98.24
CA VAL A 182 -7.76 -37.41 -98.93
C VAL A 182 -8.57 -36.56 -97.97
N ALA A 183 -9.04 -35.41 -98.44
CA ALA A 183 -9.86 -34.54 -97.61
C ALA A 183 -11.22 -35.21 -97.52
N GLY A 184 -11.81 -35.19 -96.34
CA GLY A 184 -13.11 -35.82 -96.18
C GLY A 184 -13.77 -35.48 -94.86
N THR A 185 -14.94 -36.03 -94.62
CA THR A 185 -15.67 -35.79 -93.39
C THR A 185 -16.07 -37.09 -92.76
N VAL A 186 -16.43 -37.01 -91.48
CA VAL A 186 -16.84 -38.20 -90.75
C VAL A 186 -18.10 -37.81 -89.97
N ASN A 187 -18.80 -38.81 -89.45
CA ASN A 187 -20.02 -38.62 -88.67
C ASN A 187 -21.01 -37.62 -89.24
N ARG A 188 -21.28 -37.76 -90.53
CA ARG A 188 -22.22 -36.91 -91.24
C ARG A 188 -21.88 -35.43 -91.32
N GLY A 189 -20.76 -35.09 -91.94
CA GLY A 189 -20.42 -33.70 -92.11
C GLY A 189 -19.33 -33.13 -91.22
N SER A 190 -18.99 -33.81 -90.13
CA SER A 190 -17.96 -33.30 -89.23
C SER A 190 -16.61 -33.25 -89.91
N SER A 191 -15.88 -32.14 -89.72
CA SER A 191 -14.57 -31.98 -90.32
C SER A 191 -13.49 -32.34 -89.31
N VAL A 192 -13.91 -32.75 -88.12
CA VAL A 192 -13.00 -33.13 -87.03
C VAL A 192 -12.79 -34.65 -87.15
N VAL A 193 -12.21 -35.06 -88.26
CA VAL A 193 -11.98 -36.48 -88.52
C VAL A 193 -11.06 -37.13 -87.50
N GLY A 194 -10.22 -36.32 -86.86
CA GLY A 194 -9.31 -36.86 -85.86
C GLY A 194 -10.02 -37.33 -84.60
N ALA A 195 -11.05 -36.61 -84.18
CA ALA A 195 -11.79 -36.97 -82.98
C ALA A 195 -12.98 -37.87 -83.25
N GLY A 196 -13.49 -37.85 -84.47
CA GLY A 196 -14.65 -38.63 -84.81
C GLY A 196 -14.48 -40.12 -85.07
N MET A 197 -13.25 -40.58 -85.17
CA MET A 197 -13.02 -41.99 -85.46
C MET A 197 -11.63 -42.40 -85.02
N VAL A 198 -11.45 -43.70 -84.79
CA VAL A 198 -10.16 -44.24 -84.41
C VAL A 198 -9.85 -45.23 -85.53
N VAL A 199 -8.57 -45.49 -85.78
CA VAL A 199 -8.24 -46.40 -86.86
C VAL A 199 -6.81 -46.90 -86.78
N ASN A 200 -6.61 -48.13 -87.28
CA ASN A 200 -5.28 -48.72 -87.36
C ASN A 200 -5.23 -49.48 -88.68
N ASP A 201 -4.18 -50.28 -88.89
CA ASP A 201 -4.04 -50.98 -90.16
C ASP A 201 -5.12 -51.99 -90.52
N TYR A 202 -5.86 -52.50 -89.55
CA TYR A 202 -6.86 -53.51 -89.85
C TYR A 202 -8.29 -53.21 -89.42
N LEU A 203 -8.50 -52.11 -88.70
CA LEU A 203 -9.84 -51.80 -88.24
C LEU A 203 -10.05 -50.31 -88.07
N ALA A 204 -11.26 -49.87 -88.37
CA ALA A 204 -11.61 -48.47 -88.23
C ALA A 204 -12.95 -48.40 -87.53
N VAL A 205 -13.01 -47.64 -86.44
CA VAL A 205 -14.25 -47.50 -85.71
C VAL A 205 -14.67 -46.03 -85.76
N THR A 206 -15.87 -45.79 -86.29
CA THR A 206 -16.39 -44.43 -86.38
C THR A 206 -17.77 -44.37 -85.73
N GLY A 207 -18.43 -43.21 -85.77
CA GLY A 207 -19.73 -43.08 -85.16
C GLY A 207 -20.90 -43.52 -86.02
N LEU A 208 -21.97 -43.98 -85.37
CA LEU A 208 -23.18 -44.45 -86.05
C LEU A 208 -23.71 -43.51 -87.12
N ASP A 209 -23.44 -42.21 -86.99
CA ASP A 209 -23.95 -41.26 -87.97
C ASP A 209 -23.15 -41.11 -89.27
N THR A 210 -22.01 -41.78 -89.37
CA THR A 210 -21.20 -41.68 -90.59
C THR A 210 -22.04 -42.17 -91.77
N THR A 211 -22.21 -41.33 -92.78
CA THR A 211 -23.00 -41.69 -93.96
C THR A 211 -22.40 -42.86 -94.74
N ALA A 212 -23.08 -43.28 -95.79
CA ALA A 212 -22.62 -44.38 -96.62
C ALA A 212 -21.40 -43.91 -97.40
N PRO A 213 -21.49 -42.71 -98.00
CA PRO A 213 -20.35 -42.18 -98.76
C PRO A 213 -19.11 -42.02 -97.89
N GLU A 214 -19.30 -41.50 -96.67
CA GLU A 214 -18.20 -41.28 -95.75
C GLU A 214 -17.56 -42.59 -95.32
N LEU A 215 -18.36 -43.63 -95.15
CA LEU A 215 -17.80 -44.91 -94.74
C LEU A 215 -17.08 -45.54 -95.94
N SER A 216 -17.54 -45.23 -97.14
CA SER A 216 -16.92 -45.76 -98.35
C SER A 216 -15.51 -45.21 -98.49
N VAL A 217 -15.36 -43.91 -98.27
CA VAL A 217 -14.06 -43.24 -98.35
C VAL A 217 -13.12 -43.80 -97.29
N ILE A 218 -13.67 -44.09 -96.11
CA ILE A 218 -12.86 -44.64 -95.01
C ILE A 218 -12.28 -46.03 -95.31
N GLU A 219 -13.14 -46.99 -95.67
CA GLU A 219 -12.67 -48.34 -95.96
C GLU A 219 -11.87 -48.39 -97.25
N SER A 220 -11.96 -47.32 -98.03
CA SER A 220 -11.23 -47.24 -99.28
C SER A 220 -9.82 -46.67 -99.05
N ILE A 221 -9.73 -45.55 -98.34
CA ILE A 221 -8.44 -44.92 -98.08
C ILE A 221 -7.60 -45.64 -97.02
N PHE A 222 -8.25 -46.24 -96.03
CA PHE A 222 -7.51 -46.96 -95.01
C PHE A 222 -7.34 -48.42 -95.43
N ARG A 223 -7.87 -48.73 -96.61
CA ARG A 223 -7.77 -50.06 -97.20
C ARG A 223 -8.27 -51.13 -96.24
N LEU A 224 -9.57 -51.09 -95.96
CA LEU A 224 -10.20 -52.02 -95.05
C LEU A 224 -11.17 -52.96 -95.76
N GLN B 7 11.06 1.44 38.44
CA GLN B 7 12.36 0.79 38.81
C GLN B 7 13.54 1.76 38.73
N GLN B 8 13.40 2.84 37.96
CA GLN B 8 14.50 3.78 37.82
C GLN B 8 14.51 4.91 38.87
N GLU B 9 13.55 4.92 39.78
CA GLU B 9 13.47 6.00 40.78
C GLU B 9 14.71 6.09 41.66
N GLN B 10 15.22 7.32 41.82
CA GLN B 10 16.25 7.64 42.81
C GLN B 10 15.53 8.03 44.09
N THR B 11 15.80 7.32 45.18
CA THR B 11 15.07 7.49 46.44
C THR B 11 15.99 7.78 47.61
N ILE B 12 15.40 8.11 48.77
CA ILE B 12 16.20 8.43 49.96
C ILE B 12 16.88 7.21 50.60
N ALA B 13 16.72 6.02 49.98
CA ALA B 13 17.60 4.90 50.30
C ALA B 13 19.08 5.26 49.97
N GLU B 14 19.27 6.24 49.08
CA GLU B 14 20.61 6.64 48.62
C GLU B 14 21.05 7.88 49.40
N ASP B 15 22.22 7.81 50.04
CA ASP B 15 22.76 8.91 50.83
CA ASP B 15 22.74 8.91 50.83
C ASP B 15 22.85 10.21 50.02
N LEU B 16 23.22 10.09 48.74
CA LEU B 16 23.35 11.29 47.89
C LEU B 16 22.02 12.01 47.70
N VAL B 17 20.95 11.25 47.63
CA VAL B 17 19.61 11.80 47.48
C VAL B 17 19.22 12.52 48.76
N VAL B 18 19.48 11.89 49.92
CA VAL B 18 19.22 12.55 51.21
C VAL B 18 19.99 13.90 51.26
N THR B 19 21.25 13.89 50.84
CA THR B 19 22.06 15.13 50.83
C THR B 19 21.42 16.23 49.98
N LYS B 20 20.95 15.87 48.79
CA LYS B 20 20.31 16.84 47.89
C LYS B 20 19.03 17.42 48.53
N TYR B 21 18.23 16.57 49.18
CA TYR B 21 17.08 17.09 49.93
C TYR B 21 17.49 18.03 51.05
N LYS B 22 18.47 17.61 51.84
CA LYS B 22 18.93 18.42 52.99
C LYS B 22 19.48 19.77 52.52
N MET B 23 20.25 19.76 51.44
CA MET B 23 20.83 21.03 50.95
C MET B 23 19.76 21.96 50.40
N GLY B 24 18.76 21.41 49.69
CA GLY B 24 17.63 22.24 49.23
C GLY B 24 16.84 22.75 50.42
N GLY B 25 16.66 21.91 51.43
CA GLY B 25 15.98 22.32 52.68
C GLY B 25 16.69 23.46 53.41
N ASP B 26 18.02 23.36 53.48
CA ASP B 26 18.82 24.44 54.11
C ASP B 26 18.59 25.76 53.38
N ILE B 27 18.55 25.71 52.06
CA ILE B 27 18.31 26.93 51.26
C ILE B 27 16.89 27.46 51.49
N ALA B 28 15.90 26.56 51.46
CA ALA B 28 14.50 26.98 51.67
C ALA B 28 14.37 27.65 53.04
N ASN B 29 14.98 27.03 54.05
CA ASN B 29 14.92 27.57 55.42
C ASN B 29 15.55 28.95 55.53
N ARG B 30 16.68 29.12 54.86
CA ARG B 30 17.42 30.38 54.91
C ARG B 30 16.65 31.49 54.19
N VAL B 31 16.16 31.17 53.01
CA VAL B 31 15.42 32.16 52.23
C VAL B 31 14.13 32.55 52.99
N LEU B 32 13.40 31.56 53.51
CA LEU B 32 12.20 31.88 54.29
C LEU B 32 12.51 32.83 55.43
N ARG B 33 13.55 32.52 56.21
CA ARG B 33 13.89 33.36 57.37
C ARG B 33 14.28 34.77 56.94
N SER B 34 14.98 34.89 55.81
CA SER B 34 15.35 36.20 55.26
CA SER B 34 15.35 36.21 55.30
C SER B 34 14.10 37.01 54.93
N LEU B 35 13.12 36.35 54.33
CA LEU B 35 11.90 37.03 53.92
C LEU B 35 11.08 37.46 55.13
N VAL B 36 11.02 36.61 56.16
CA VAL B 36 10.33 36.96 57.41
C VAL B 36 10.97 38.22 58.03
N GLU B 37 12.31 38.24 58.11
CA GLU B 37 13.05 39.41 58.65
C GLU B 37 12.75 40.67 57.81
N ALA B 38 12.59 40.51 56.48
CA ALA B 38 12.37 41.65 55.57
C ALA B 38 10.92 42.17 55.57
N SER B 39 10.06 41.42 56.23
N SER B 39 10.02 41.48 56.27
CA SER B 39 8.68 41.77 56.35
CA SER B 39 8.55 41.73 56.17
C SER B 39 8.55 42.79 57.47
C SER B 39 7.94 42.67 57.23
N SER B 40 8.15 43.97 57.06
CA SER B 40 7.70 44.98 58.03
C SER B 40 6.66 45.87 57.39
N SER B 41 6.02 46.71 58.20
CA SER B 41 4.99 47.61 57.68
CA SER B 41 4.99 47.61 57.68
C SER B 41 5.57 48.43 56.53
N GLY B 42 4.79 48.56 55.45
CA GLY B 42 5.19 49.38 54.31
C GLY B 42 5.92 48.64 53.22
N VAL B 43 6.23 47.36 53.46
CA VAL B 43 6.97 46.56 52.49
C VAL B 43 6.06 45.97 51.43
N SER B 44 6.53 46.01 50.18
CA SER B 44 5.81 45.53 49.02
C SER B 44 5.87 44.00 48.96
N VAL B 45 4.71 43.36 48.84
CA VAL B 45 4.66 41.89 48.63
C VAL B 45 5.36 41.51 47.31
N LEU B 46 5.13 42.27 46.24
CA LEU B 46 5.86 42.01 44.99
C LEU B 46 7.36 41.95 45.23
N SER B 47 7.89 42.92 46.00
CA SER B 47 9.32 43.00 46.23
CA SER B 47 9.32 43.00 46.26
C SER B 47 9.82 41.75 46.98
N LEU B 48 9.02 41.29 47.96
CA LEU B 48 9.38 40.10 48.71
C LEU B 48 9.36 38.86 47.82
N CYS B 49 8.36 38.77 46.95
CA CYS B 49 8.31 37.59 46.06
C CYS B 49 9.52 37.57 45.13
N GLU B 50 9.84 38.72 44.55
CA GLU B 50 11.01 38.85 43.68
C GLU B 50 12.32 38.56 44.42
N LYS B 51 12.44 39.09 45.65
CA LYS B 51 13.61 38.84 46.49
C LYS B 51 13.78 37.35 46.78
N GLY B 52 12.70 36.71 47.22
CA GLY B 52 12.72 35.24 47.50
C GLY B 52 13.18 34.43 46.32
N ASP B 53 12.58 34.68 45.17
CA ASP B 53 12.92 33.86 43.99
C ASP B 53 14.38 34.07 43.61
N ALA B 54 14.82 35.33 43.63
CA ALA B 54 16.20 35.63 43.26
C ALA B 54 17.19 34.96 44.23
N MET B 55 16.84 34.93 45.51
CA MET B 55 17.71 34.32 46.50
CA MET B 55 17.69 34.32 46.52
C MET B 55 17.78 32.81 46.29
N ILE B 56 16.65 32.21 45.95
CA ILE B 56 16.64 30.76 45.65
C ILE B 56 17.59 30.46 44.48
N MET B 57 17.50 31.26 43.41
CA MET B 57 18.36 31.03 42.24
C MET B 57 19.83 31.26 42.59
N GLU B 58 20.12 32.30 43.37
CA GLU B 58 21.52 32.60 43.73
C GLU B 58 22.13 31.50 44.62
N GLU B 59 21.35 31.01 45.57
CA GLU B 59 21.84 30.04 46.52
C GLU B 59 22.00 28.68 45.88
N THR B 60 21.03 28.27 45.05
CA THR B 60 21.17 27.01 44.32
C THR B 60 22.32 27.10 43.31
N GLY B 61 22.56 28.30 42.78
CA GLY B 61 23.68 28.50 41.85
C GLY B 61 25.06 28.22 42.45
N LYS B 62 25.16 28.30 43.77
CA LYS B 62 26.41 28.20 44.51
C LYS B 62 26.76 26.78 44.95
N ILE B 63 25.84 25.84 44.75
CA ILE B 63 26.08 24.44 45.15
C ILE B 63 26.13 23.54 43.93
N PHE B 64 26.78 22.38 44.07
CA PHE B 64 26.97 21.46 42.95
C PHE B 64 27.50 22.17 41.69
N LYS B 65 28.42 23.12 41.91
CA LYS B 65 28.97 23.94 40.84
C LYS B 65 29.72 23.14 39.77
N LYS B 66 30.41 22.09 40.21
CA LYS B 66 31.17 21.26 39.27
C LYS B 66 30.27 20.46 38.35
N GLU B 67 29.02 20.23 38.77
CA GLU B 67 28.06 19.51 37.93
CA GLU B 67 28.03 19.51 37.95
C GLU B 67 27.24 20.48 37.09
N LYS B 68 27.87 20.94 36.01
CA LYS B 68 27.34 22.01 35.16
C LYS B 68 25.98 21.72 34.53
N GLU B 69 25.62 20.45 34.37
CA GLU B 69 24.34 20.10 33.75
C GLU B 69 23.20 19.86 34.75
N MET B 70 23.52 19.91 36.05
CA MET B 70 22.50 19.59 37.06
C MET B 70 21.50 20.73 37.18
N LYS B 71 20.21 20.38 37.12
CA LYS B 71 19.15 21.37 37.28
C LYS B 71 18.87 21.58 38.76
N LYS B 72 18.55 22.82 39.11
CA LYS B 72 18.34 23.22 40.50
C LYS B 72 17.74 24.62 40.47
N GLY B 73 16.94 24.95 41.47
CA GLY B 73 16.36 26.28 41.50
C GLY B 73 15.03 26.25 42.21
N ILE B 74 14.04 26.90 41.61
CA ILE B 74 12.72 27.08 42.25
C ILE B 74 11.82 25.86 42.02
N ALA B 75 11.29 25.29 43.13
CA ALA B 75 10.28 24.24 43.04
C ALA B 75 8.87 24.82 43.22
N PHE B 76 8.76 25.91 43.98
CA PHE B 76 7.49 26.60 44.12
C PHE B 76 7.79 28.08 44.29
N PRO B 77 7.24 28.90 43.39
CA PRO B 77 7.61 30.32 43.43
C PRO B 77 7.16 30.97 44.75
N THR B 78 7.95 31.91 45.25
CA THR B 78 7.63 32.59 46.48
C THR B 78 6.23 33.19 46.39
N SER B 79 5.39 32.81 47.34
CA SER B 79 3.99 33.24 47.40
CA SER B 79 4.03 33.34 47.37
C SER B 79 3.70 33.80 48.78
N ILE B 80 3.03 34.94 48.83
CA ILE B 80 2.82 35.62 50.10
C ILE B 80 1.36 36.00 50.21
N SER B 81 0.66 35.31 51.10
CA SER B 81 -0.78 35.32 51.13
C SER B 81 -1.24 35.82 52.50
N VAL B 82 -1.84 37.01 52.50
CA VAL B 82 -2.08 37.77 53.71
C VAL B 82 -3.52 37.66 54.21
N ASN B 83 -3.65 37.52 55.53
CA ASN B 83 -4.96 37.52 56.21
C ASN B 83 -5.89 36.43 55.67
N ASN B 84 -7.01 36.81 55.03
CA ASN B 84 -7.99 35.83 54.53
C ASN B 84 -7.59 35.19 53.19
N CYS B 85 -6.54 35.74 52.56
CA CYS B 85 -6.03 35.11 51.33
C CYS B 85 -5.38 33.78 51.72
N VAL B 86 -5.75 32.71 51.03
CA VAL B 86 -5.33 31.36 51.43
C VAL B 86 -3.95 30.96 50.92
N CYS B 87 -3.74 31.22 49.64
CA CYS B 87 -2.57 30.68 48.95
C CYS B 87 -2.35 31.27 47.58
N HIS B 88 -1.10 31.12 47.13
CA HIS B 88 -0.70 31.29 45.74
C HIS B 88 -0.63 32.73 45.25
N PHE B 89 -0.61 33.70 46.18
CA PHE B 89 -0.47 35.10 45.72
C PHE B 89 0.98 35.43 45.40
N SER B 90 1.24 35.66 44.11
CA SER B 90 2.57 36.01 43.61
C SER B 90 2.33 36.95 42.43
N PRO B 91 2.18 38.26 42.72
CA PRO B 91 1.69 39.18 41.70
C PRO B 91 2.63 39.41 40.53
N LEU B 92 2.03 39.64 39.36
CA LEU B 92 2.74 40.17 38.19
C LEU B 92 3.05 41.65 38.46
N LYS B 93 4.06 42.18 37.78
CA LYS B 93 4.39 43.59 37.91
C LYS B 93 3.19 44.50 37.59
N SER B 94 2.29 44.04 36.72
CA SER B 94 1.13 44.83 36.30
C SER B 94 -0.11 44.66 37.22
N ASP B 95 -0.13 43.61 38.04
CA ASP B 95 -1.20 43.42 39.01
C ASP B 95 -1.17 44.49 40.12
N GLN B 96 -2.27 44.63 40.85
CA GLN B 96 -2.21 45.41 42.06
C GLN B 96 -1.31 44.68 43.05
N ASP B 97 -0.27 45.37 43.49
CA ASP B 97 0.59 44.92 44.59
C ASP B 97 -0.19 45.01 45.89
N TYR B 98 0.35 44.42 46.95
CA TYR B 98 -0.18 44.57 48.31
C TYR B 98 0.94 45.07 49.21
N ILE B 99 0.66 46.09 50.01
CA ILE B 99 1.67 46.64 50.95
C ILE B 99 1.38 46.17 52.36
N LEU B 100 2.38 45.53 52.99
CA LEU B 100 2.17 44.99 54.34
C LEU B 100 1.79 46.08 55.35
N LYS B 101 0.86 45.76 56.25
CA LYS B 101 0.48 46.68 57.34
C LYS B 101 0.84 46.03 58.68
N GLU B 102 1.16 46.86 59.68
CA GLU B 102 1.32 46.37 61.05
C GLU B 102 0.09 45.53 61.42
N GLY B 103 0.34 44.35 62.00
CA GLY B 103 -0.73 43.48 62.47
C GLY B 103 -1.22 42.49 61.42
N ASP B 104 -0.83 42.68 60.16
CA ASP B 104 -1.25 41.69 59.12
C ASP B 104 -0.72 40.31 59.47
N LEU B 105 -1.54 39.29 59.20
CA LEU B 105 -1.12 37.89 59.28
C LEU B 105 -0.59 37.52 57.90
N VAL B 106 0.65 37.03 57.85
CA VAL B 106 1.31 36.77 56.57
C VAL B 106 1.71 35.28 56.49
N LYS B 107 1.39 34.65 55.37
CA LYS B 107 1.85 33.28 55.05
C LYS B 107 2.87 33.38 53.91
N ILE B 108 4.08 32.88 54.13
CA ILE B 108 5.10 32.84 53.06
C ILE B 108 5.28 31.37 52.75
N ASP B 109 5.17 31.06 51.46
CA ASP B 109 5.19 29.67 50.95
C ASP B 109 6.18 29.66 49.80
N LEU B 110 7.14 28.72 49.83
CA LEU B 110 8.14 28.64 48.75
C LEU B 110 8.74 27.24 48.70
N GLY B 111 9.40 26.92 47.59
CA GLY B 111 10.02 25.59 47.42
C GLY B 111 11.28 25.69 46.61
N VAL B 112 12.25 24.83 46.98
CA VAL B 112 13.55 24.78 46.31
C VAL B 112 13.73 23.35 45.79
N HIS B 113 14.41 23.19 44.66
CA HIS B 113 14.82 21.81 44.28
C HIS B 113 16.29 21.72 43.94
N VAL B 114 16.88 20.56 44.20
CA VAL B 114 18.27 20.30 43.82
C VAL B 114 18.22 18.99 43.04
N ASP B 115 18.52 19.05 41.73
CA ASP B 115 18.44 17.85 40.86
C ASP B 115 17.03 17.21 40.92
N GLY B 116 16.00 18.05 41.09
CA GLY B 116 14.64 17.53 41.09
C GLY B 116 14.14 17.09 42.45
N PHE B 117 15.00 17.06 43.46
CA PHE B 117 14.56 16.71 44.80
C PHE B 117 14.09 17.96 45.50
N ILE B 118 12.83 17.93 45.95
CA ILE B 118 12.09 19.15 46.35
C ILE B 118 12.04 19.33 47.87
N ALA B 119 12.28 20.57 48.29
CA ALA B 119 12.12 20.96 49.68
C ALA B 119 11.16 22.16 49.72
N ASN B 120 9.95 21.89 50.22
CA ASN B 120 8.91 22.91 50.32
C ASN B 120 8.75 23.36 51.77
N VAL B 121 8.43 24.64 51.97
CA VAL B 121 8.24 25.17 53.33
C VAL B 121 7.21 26.29 53.28
N ALA B 122 6.45 26.44 54.36
CA ALA B 122 5.62 27.63 54.51
C ALA B 122 5.50 27.97 55.99
N HIS B 123 5.31 29.26 56.28
CA HIS B 123 5.33 29.72 57.66
C HIS B 123 4.38 30.91 57.77
N THR B 124 3.80 31.07 58.95
CA THR B 124 2.92 32.21 59.25
C THR B 124 3.44 33.03 60.40
N PHE B 125 3.29 34.35 60.29
CA PHE B 125 3.67 35.27 61.37
C PHE B 125 2.81 36.51 61.23
N VAL B 126 2.94 37.42 62.20
CA VAL B 126 2.20 38.68 62.22
C VAL B 126 3.20 39.83 62.06
N VAL B 127 2.84 40.85 61.28
CA VAL B 127 3.79 41.94 60.90
C VAL B 127 4.01 42.89 62.09
N ASP B 128 5.29 43.08 62.45
CA ASP B 128 5.70 44.10 63.43
C ASP B 128 5.02 43.98 64.80
N VAL B 129 4.99 42.77 65.34
CA VAL B 129 4.52 42.57 66.71
C VAL B 129 5.53 43.28 67.63
N ALA B 130 5.06 44.17 68.51
CA ALA B 130 5.98 44.93 69.36
C ALA B 130 6.63 44.07 70.45
N GLN B 131 7.88 44.40 70.80
CA GLN B 131 8.57 43.72 71.91
C GLN B 131 7.72 43.72 73.18
N GLY B 132 7.69 42.58 73.87
CA GLY B 132 6.91 42.48 75.11
C GLY B 132 5.40 42.42 74.97
N THR B 133 4.93 42.22 73.74
CA THR B 133 3.50 42.01 73.53
C THR B 133 3.25 40.64 72.93
N GLN B 134 2.00 40.20 73.00
CA GLN B 134 1.58 38.95 72.38
C GLN B 134 0.50 39.19 71.36
N VAL B 135 0.39 38.26 70.43
CA VAL B 135 -0.73 38.21 69.52
C VAL B 135 -1.86 37.47 70.24
N THR B 136 -3.07 38.02 70.12
CA THR B 136 -4.25 37.51 70.81
C THR B 136 -5.41 37.41 69.82
N GLY B 137 -6.55 36.96 70.30
CA GLY B 137 -7.76 36.92 69.47
C GLY B 137 -7.73 35.85 68.40
N ARG B 138 -8.56 36.04 67.37
CA ARG B 138 -8.70 35.04 66.32
C ARG B 138 -7.37 34.76 65.59
N LYS B 139 -6.51 35.78 65.46
CA LYS B 139 -5.17 35.57 64.87
C LYS B 139 -4.37 34.57 65.66
N ALA B 140 -4.36 34.72 66.99
CA ALA B 140 -3.67 33.77 67.86
C ALA B 140 -4.34 32.39 67.76
N ASP B 141 -5.66 32.36 67.79
CA ASP B 141 -6.41 31.08 67.74
C ASP B 141 -5.98 30.27 66.51
N VAL B 142 -5.98 30.93 65.35
CA VAL B 142 -5.76 30.20 64.09
C VAL B 142 -4.29 29.82 63.91
N ILE B 143 -3.39 30.68 64.38
CA ILE B 143 -1.95 30.38 64.29
C ILE B 143 -1.56 29.21 65.21
N LYS B 144 -2.04 29.26 66.46
CA LYS B 144 -1.78 28.14 67.39
C LYS B 144 -2.41 26.87 66.83
N ALA B 145 -3.65 26.96 66.33
CA ALA B 145 -4.29 25.75 65.78
C ALA B 145 -3.47 25.16 64.63
N ALA B 146 -3.05 26.02 63.71
CA ALA B 146 -2.29 25.52 62.57
C ALA B 146 -0.97 24.93 63.02
N HIS B 147 -0.28 25.56 63.97
CA HIS B 147 1.00 25.00 64.37
CA HIS B 147 1.00 25.02 64.40
C HIS B 147 0.86 23.69 65.12
N LEU B 148 -0.16 23.61 65.96
CA LEU B 148 -0.40 22.32 66.64
C LEU B 148 -0.79 21.23 65.63
N CYS B 149 -1.51 21.59 64.56
CA CYS B 149 -1.77 20.62 63.49
C CYS B 149 -0.46 20.14 62.83
N ALA B 150 0.46 21.07 62.60
CA ALA B 150 1.79 20.71 62.06
C ALA B 150 2.56 19.76 63.00
N GLU B 151 2.56 20.08 64.31
CA GLU B 151 3.19 19.24 65.33
C GLU B 151 2.57 17.84 65.37
N ALA B 152 1.24 17.77 65.30
CA ALA B 152 0.54 16.48 65.28
C ALA B 152 0.97 15.66 64.05
N ALA B 153 0.98 16.31 62.89
CA ALA B 153 1.39 15.65 61.63
C ALA B 153 2.86 15.16 61.68
N LEU B 154 3.75 15.96 62.27
CA LEU B 154 5.15 15.52 62.41
C LEU B 154 5.23 14.18 63.16
N ARG B 155 4.36 14.01 64.16
CA ARG B 155 4.33 12.79 64.97
C ARG B 155 3.59 11.64 64.31
N LEU B 156 2.61 11.96 63.46
CA LEU B 156 1.73 10.94 62.88
C LEU B 156 2.11 10.47 61.47
N VAL B 157 2.81 11.33 60.71
CA VAL B 157 3.26 10.96 59.38
C VAL B 157 4.51 10.11 59.53
N LYS B 158 4.30 8.82 59.75
N LYS B 158 4.30 8.82 59.75
CA LYS B 158 5.39 7.87 59.92
CA LYS B 158 5.40 7.87 59.94
C LYS B 158 5.01 6.51 59.36
C LYS B 158 5.01 6.49 59.38
N PRO B 159 6.02 5.70 58.99
CA PRO B 159 5.77 4.37 58.40
C PRO B 159 4.82 3.58 59.29
N GLY B 160 3.79 3.02 58.67
CA GLY B 160 2.84 2.17 59.39
C GLY B 160 1.53 2.86 59.73
N ASN B 161 1.54 4.20 59.74
CA ASN B 161 0.32 4.96 60.00
C ASN B 161 -0.49 5.22 58.72
N GLN B 162 -1.75 5.59 58.88
CA GLN B 162 -2.61 5.85 57.72
C GLN B 162 -2.80 7.35 57.57
N ASN B 163 -2.97 7.79 56.32
CA ASN B 163 -3.21 9.24 56.07
C ASN B 163 -4.45 9.73 56.82
N THR B 164 -5.47 8.87 56.90
CA THR B 164 -6.72 9.20 57.59
C THR B 164 -6.55 9.62 59.04
N GLN B 165 -5.55 9.06 59.72
CA GLN B 165 -5.25 9.38 61.11
C GLN B 165 -4.88 10.86 61.22
N VAL B 166 -4.12 11.32 60.24
CA VAL B 166 -3.69 12.73 60.20
C VAL B 166 -4.90 13.65 59.99
N THR B 167 -5.70 13.36 58.98
CA THR B 167 -6.93 14.08 58.69
C THR B 167 -7.82 14.21 59.95
N GLU B 168 -8.01 13.10 60.65
CA GLU B 168 -8.85 13.12 61.87
C GLU B 168 -8.26 13.98 62.98
N ALA B 169 -6.95 13.86 63.21
CA ALA B 169 -6.27 14.62 64.25
C ALA B 169 -6.37 16.10 63.94
N TRP B 170 -6.21 16.47 62.68
CA TRP B 170 -6.24 17.88 62.32
C TRP B 170 -7.59 18.51 62.64
N ASN B 171 -8.66 17.78 62.32
CA ASN B 171 -9.99 18.32 62.65
C ASN B 171 -10.17 18.55 64.15
N LYS B 172 -9.69 17.59 64.94
CA LYS B 172 -9.79 17.66 66.41
C LYS B 172 -8.98 18.83 66.98
N VAL B 173 -7.75 18.99 66.51
CA VAL B 173 -6.91 20.10 66.94
C VAL B 173 -7.54 21.43 66.55
N ALA B 174 -7.92 21.57 65.28
CA ALA B 174 -8.42 22.88 64.80
C ALA B 174 -9.71 23.30 65.53
N HIS B 175 -10.63 22.35 65.69
CA HIS B 175 -11.89 22.64 66.38
C HIS B 175 -11.66 23.10 67.83
N SER B 176 -10.57 22.65 68.44
CA SER B 176 -10.21 23.02 69.82
C SER B 176 -10.06 24.53 69.98
N PHE B 177 -9.80 25.22 68.86
CA PHE B 177 -9.60 26.66 68.81
C PHE B 177 -10.73 27.35 68.05
N ASN B 178 -11.84 26.61 67.86
CA ASN B 178 -12.95 27.07 67.06
C ASN B 178 -12.53 27.46 65.63
N CYS B 179 -11.56 26.70 65.10
CA CYS B 179 -11.04 26.89 63.75
C CYS B 179 -11.35 25.64 62.91
N THR B 180 -11.13 25.77 61.60
CA THR B 180 -11.53 24.73 60.65
C THR B 180 -10.44 24.61 59.59
N PRO B 181 -9.92 23.39 59.36
CA PRO B 181 -8.94 23.25 58.27
C PRO B 181 -9.66 23.46 56.96
N ILE B 182 -8.99 24.12 56.01
CA ILE B 182 -9.61 24.42 54.72
C ILE B 182 -9.96 23.11 54.01
N GLU B 183 -11.23 23.01 53.58
CA GLU B 183 -11.76 21.77 52.98
C GLU B 183 -10.97 21.32 51.75
N GLY B 184 -10.52 20.08 51.79
CA GLY B 184 -10.08 19.40 50.58
C GLY B 184 -8.64 19.62 50.16
N MET B 185 -7.91 20.44 50.90
N MET B 185 -7.93 20.46 50.90
CA MET B 185 -6.52 20.70 50.52
CA MET B 185 -6.52 20.72 50.61
C MET B 185 -5.61 19.52 50.81
C MET B 185 -5.69 19.44 50.74
N LEU B 186 -4.65 19.32 49.91
CA LEU B 186 -3.83 18.10 49.89
C LEU B 186 -2.37 18.32 50.26
N SER B 187 -1.81 17.33 50.94
CA SER B 187 -0.37 17.22 51.19
C SER B 187 0.11 16.04 50.34
N HIS B 188 1.08 16.30 49.46
CA HIS B 188 1.55 15.29 48.50
C HIS B 188 2.83 14.59 48.90
N GLN B 189 2.89 13.29 48.61
CA GLN B 189 4.19 12.63 48.50
C GLN B 189 5.02 13.34 47.43
N LEU B 190 6.33 13.45 47.68
CA LEU B 190 7.27 14.01 46.70
C LEU B 190 8.15 12.90 46.15
N LYS B 191 8.48 13.02 44.86
CA LYS B 191 9.49 12.15 44.22
C LYS B 191 10.38 13.05 43.38
N GLN B 192 11.52 12.52 42.89
CA GLN B 192 12.38 13.33 42.03
C GLN B 192 11.55 13.86 40.87
N HIS B 193 11.56 15.18 40.69
CA HIS B 193 10.85 15.85 39.57
C HIS B 193 9.32 15.88 39.73
N VAL B 194 8.81 15.46 40.89
CA VAL B 194 7.37 15.31 41.09
C VAL B 194 6.93 16.01 42.38
N ILE B 195 6.30 17.18 42.24
CA ILE B 195 5.82 17.93 43.40
C ILE B 195 4.45 17.47 43.88
N ASP B 196 3.76 16.70 43.04
CA ASP B 196 2.36 16.38 43.24
C ASP B 196 2.09 14.88 43.17
N GLY B 197 2.80 14.08 43.97
CA GLY B 197 2.56 12.63 44.01
C GLY B 197 1.09 12.30 44.27
N GLU B 198 0.58 11.21 43.70
CA GLU B 198 -0.84 10.88 43.89
C GLU B 198 -1.21 10.42 45.31
N LYS B 199 -0.22 9.95 46.07
CA LYS B 199 -0.41 9.58 47.47
C LYS B 199 -0.46 10.85 48.33
N THR B 200 -1.62 11.09 48.96
CA THR B 200 -1.87 12.37 49.62
C THR B 200 -2.56 12.23 50.98
N ILE B 201 -2.36 13.26 51.81
CA ILE B 201 -3.16 13.49 53.02
C ILE B 201 -4.18 14.58 52.66
N ILE B 202 -5.46 14.36 52.97
CA ILE B 202 -6.48 15.37 52.66
C ILE B 202 -6.96 16.07 53.95
N GLN B 203 -7.13 17.39 53.88
CA GLN B 203 -7.71 18.15 55.00
C GLN B 203 -9.21 18.13 54.93
N ASN B 204 -9.84 17.92 56.09
CA ASN B 204 -11.26 18.21 56.30
C ASN B 204 -12.13 17.95 55.06
N PRO B 205 -12.12 16.70 54.56
CA PRO B 205 -12.82 16.39 53.31
C PRO B 205 -14.34 16.44 53.46
N THR B 206 -15.01 16.96 52.44
CA THR B 206 -16.46 16.84 52.33
C THR B 206 -16.79 15.34 52.18
N ASP B 207 -18.08 14.99 52.22
CA ASP B 207 -18.46 13.59 52.02
C ASP B 207 -18.03 13.06 50.64
N GLN B 208 -18.19 13.87 49.60
CA GLN B 208 -17.75 13.48 48.26
C GLN B 208 -16.21 13.32 48.17
N GLN B 209 -15.49 14.28 48.75
CA GLN B 209 -14.03 14.22 48.79
C GLN B 209 -13.51 12.97 49.51
N LYS B 210 -14.23 12.56 50.56
CA LYS B 210 -13.93 11.32 51.30
C LYS B 210 -14.03 10.09 50.42
N LYS B 211 -14.97 10.11 49.48
CA LYS B 211 -15.19 8.98 48.56
C LYS B 211 -14.17 8.95 47.43
N ASP B 212 -13.86 10.12 46.88
CA ASP B 212 -12.90 10.26 45.77
C ASP B 212 -11.43 10.16 46.18
N HIS B 213 -11.13 10.44 47.45
CA HIS B 213 -9.76 10.41 47.97
C HIS B 213 -9.38 9.01 48.46
N GLU B 214 -8.14 8.61 48.17
CA GLU B 214 -7.68 7.27 48.49
C GLU B 214 -6.99 7.17 49.86
N LYS B 215 -7.50 6.28 50.70
CA LYS B 215 -6.82 5.92 51.94
C LYS B 215 -5.50 5.25 51.62
N ALA B 216 -4.49 5.56 52.42
CA ALA B 216 -3.12 5.09 52.17
C ALA B 216 -2.28 5.01 53.43
N GLU B 217 -1.29 4.12 53.41
N GLU B 217 -1.29 4.11 53.42
CA GLU B 217 -0.38 3.89 54.52
CA GLU B 217 -0.39 3.90 54.52
C GLU B 217 0.99 4.47 54.18
C GLU B 217 0.98 4.47 54.18
N PHE B 218 1.55 5.26 55.10
CA PHE B 218 2.93 5.79 54.92
C PHE B 218 3.95 4.65 54.97
N GLU B 219 5.02 4.77 54.18
CA GLU B 219 6.05 3.73 54.15
C GLU B 219 7.46 4.33 54.22
N VAL B 220 8.40 3.53 54.75
CA VAL B 220 9.81 3.91 54.81
C VAL B 220 10.29 4.29 53.41
N HIS B 221 11.14 5.34 53.37
CA HIS B 221 11.75 5.91 52.14
C HIS B 221 10.84 6.86 51.36
N GLU B 222 9.63 7.10 51.85
CA GLU B 222 8.75 8.09 51.23
C GLU B 222 9.08 9.47 51.78
N VAL B 223 8.76 10.47 50.97
CA VAL B 223 8.95 11.89 51.35
C VAL B 223 7.60 12.58 51.18
N TYR B 224 7.26 13.46 52.13
CA TYR B 224 6.01 14.22 52.06
C TYR B 224 6.25 15.72 52.29
N ALA B 225 5.49 16.54 51.58
CA ALA B 225 5.41 17.98 51.93
C ALA B 225 4.08 18.15 52.65
N VAL B 226 4.14 18.08 53.98
CA VAL B 226 2.95 18.21 54.80
C VAL B 226 2.52 19.68 54.84
N ASP B 227 1.27 19.96 54.49
CA ASP B 227 0.79 21.34 54.29
C ASP B 227 -0.48 21.55 55.11
N VAL B 228 -0.38 22.37 56.15
CA VAL B 228 -1.50 22.65 57.05
C VAL B 228 -2.01 24.04 56.72
N LEU B 229 -3.29 24.16 56.38
CA LEU B 229 -3.95 25.46 56.15
C LEU B 229 -5.24 25.49 56.96
N VAL B 230 -5.30 26.37 57.97
CA VAL B 230 -6.44 26.38 58.89
C VAL B 230 -7.06 27.76 58.87
N SER B 231 -8.40 27.81 58.94
CA SER B 231 -9.14 29.07 58.91
C SER B 231 -9.86 29.37 60.23
N SER B 232 -10.01 30.66 60.50
CA SER B 232 -10.84 31.10 61.64
C SER B 232 -12.34 31.07 61.27
N GLY B 233 -12.61 30.90 59.97
CA GLY B 233 -13.99 30.84 59.44
C GLY B 233 -14.42 29.44 59.03
N GLU B 234 -15.37 29.35 58.09
CA GLU B 234 -15.97 28.06 57.71
C GLU B 234 -15.05 27.08 57.00
N GLY B 235 -13.98 27.61 56.40
CA GLY B 235 -13.00 26.73 55.75
C GLY B 235 -13.33 26.30 54.34
N LYS B 236 -14.24 27.02 53.69
CA LYS B 236 -14.63 26.75 52.31
C LYS B 236 -14.05 27.83 51.40
N ALA B 237 -12.79 27.67 51.02
CA ALA B 237 -12.05 28.65 50.21
C ALA B 237 -12.65 28.83 48.82
N LYS B 238 -12.63 30.06 48.33
CA LYS B 238 -13.25 30.36 47.04
C LYS B 238 -12.39 31.26 46.18
N ASP B 239 -12.56 31.14 44.87
CA ASP B 239 -11.96 32.09 43.95
C ASP B 239 -12.70 33.43 44.11
N ALA B 240 -11.98 34.53 43.95
CA ALA B 240 -12.56 35.87 44.12
C ALA B 240 -12.12 36.85 43.03
N GLY B 241 -11.88 36.31 41.83
CA GLY B 241 -11.53 37.11 40.67
C GLY B 241 -10.07 37.53 40.56
N GLN B 242 -9.23 37.03 41.46
CA GLN B 242 -7.80 37.34 41.43
C GLN B 242 -7.10 36.55 40.32
N ARG B 243 -6.25 37.24 39.55
CA ARG B 243 -5.56 36.64 38.40
C ARG B 243 -4.61 35.54 38.86
N THR B 244 -4.73 34.37 38.25
CA THR B 244 -3.83 33.26 38.54
C THR B 244 -2.46 33.57 37.92
N THR B 245 -1.39 33.40 38.68
CA THR B 245 -0.04 33.68 38.13
C THR B 245 0.86 32.44 38.20
N ILE B 246 0.51 31.47 39.03
CA ILE B 246 1.33 30.28 39.19
C ILE B 246 0.72 29.10 38.43
N TYR B 247 1.54 28.46 37.61
CA TYR B 247 1.12 27.31 36.80
C TYR B 247 2.18 26.23 36.85
N LYS B 248 1.79 24.99 36.52
CA LYS B 248 2.78 23.96 36.26
C LYS B 248 2.41 23.19 35.00
N ARG B 249 3.44 22.78 34.26
CA ARG B 249 3.22 21.93 33.08
C ARG B 249 2.74 20.56 33.56
N ASP B 250 1.76 20.00 32.87
CA ASP B 250 1.31 18.63 33.16
C ASP B 250 1.77 17.69 32.03
N PRO B 251 2.88 16.95 32.25
CA PRO B 251 3.41 16.06 31.21
C PRO B 251 2.49 14.90 30.84
N SER B 252 1.45 14.65 31.64
CA SER B 252 0.47 13.59 31.33
C SER B 252 -0.53 13.99 30.23
N LYS B 253 -0.59 15.27 29.90
CA LYS B 253 -1.55 15.80 28.92
C LYS B 253 -0.84 16.30 27.67
N GLN B 254 -1.40 16.00 26.50
CA GLN B 254 -0.79 16.43 25.22
C GLN B 254 -1.79 17.12 24.33
N TYR B 255 -1.35 18.14 23.62
CA TYR B 255 -2.20 18.83 22.64
C TYR B 255 -1.34 19.62 21.66
N GLY B 256 -1.67 19.50 20.36
CA GLY B 256 -0.99 20.27 19.34
C GLY B 256 -1.62 21.64 19.20
N LEU B 257 -0.94 22.64 19.75
CA LEU B 257 -1.43 24.01 19.85
C LEU B 257 -1.48 24.71 18.48
N LYS B 258 -2.49 25.56 18.31
CA LYS B 258 -2.82 26.14 17.01
C LYS B 258 -2.04 27.43 16.72
N MET B 259 -1.63 28.13 17.77
CA MET B 259 -0.95 29.42 17.62
C MET B 259 0.56 29.29 17.81
N LYS B 260 1.35 29.98 16.99
CA LYS B 260 2.81 29.93 17.11
C LYS B 260 3.31 30.46 18.45
N THR B 261 2.62 31.47 19.01
CA THR B 261 2.97 32.03 20.31
C THR B 261 2.79 30.99 21.41
N SER B 262 1.70 30.22 21.32
CA SER B 262 1.41 29.17 22.30
C SER B 262 2.43 28.04 22.21
N ARG B 263 2.77 27.65 20.98
CA ARG B 263 3.74 26.58 20.81
C ARG B 263 5.10 27.00 21.36
N ALA B 264 5.52 28.23 21.06
CA ALA B 264 6.82 28.72 21.55
C ALA B 264 6.80 28.88 23.07
N PHE B 265 5.68 29.36 23.62
CA PHE B 265 5.53 29.46 25.08
C PHE B 265 5.63 28.07 25.75
N PHE B 266 4.89 27.10 25.22
CA PHE B 266 5.01 25.71 25.64
C PHE B 266 6.48 25.24 25.67
N SER B 267 7.22 25.54 24.59
CA SER B 267 8.61 25.12 24.50
C SER B 267 9.47 25.76 25.58
N GLU B 268 9.24 27.05 25.82
CA GLU B 268 10.01 27.78 26.84
C GLU B 268 9.72 27.26 28.26
N VAL B 269 8.46 26.97 28.54
CA VAL B 269 8.07 26.38 29.82
C VAL B 269 8.76 25.03 30.04
N GLU B 270 8.76 24.18 29.03
CA GLU B 270 9.34 22.87 29.21
C GLU B 270 10.84 22.98 29.48
N ARG B 271 11.50 23.82 28.69
CA ARG B 271 12.95 23.98 28.82
C ARG B 271 13.32 24.54 30.20
N ARG B 272 12.60 25.59 30.61
CA ARG B 272 13.02 26.37 31.78
C ARG B 272 12.59 25.76 33.10
N PHE B 273 11.43 25.11 33.10
CA PHE B 273 10.80 24.72 34.35
C PHE B 273 10.48 23.24 34.43
N ASP B 274 10.56 22.54 33.30
CA ASP B 274 10.15 21.15 33.23
C ASP B 274 8.73 21.06 33.81
N ALA B 275 8.57 20.32 34.91
CA ALA B 275 7.25 20.13 35.51
C ALA B 275 7.15 20.79 36.90
N MET B 276 8.05 21.73 37.18
CA MET B 276 7.98 22.51 38.42
C MET B 276 7.02 23.70 38.25
N PRO B 277 6.20 23.98 39.28
CA PRO B 277 5.42 25.23 39.26
C PRO B 277 6.30 26.46 39.04
N PHE B 278 5.77 27.43 38.31
CA PHE B 278 6.50 28.66 38.03
C PHE B 278 5.51 29.81 38.06
N THR B 279 6.01 31.03 38.18
CA THR B 279 5.13 32.18 38.08
C THR B 279 5.29 32.87 36.72
N LEU B 280 4.17 33.38 36.23
CA LEU B 280 4.16 34.10 34.96
C LEU B 280 5.05 35.31 35.01
N ARG B 281 5.40 35.73 36.21
CA ARG B 281 6.30 36.87 36.32
C ARG B 281 7.69 36.54 35.76
N ALA B 282 8.00 35.25 35.62
CA ALA B 282 9.25 34.78 35.01
C ALA B 282 9.31 35.00 33.49
N PHE B 283 8.20 35.43 32.90
CA PHE B 283 8.14 35.81 31.50
C PHE B 283 7.92 37.32 31.38
N GLU B 286 5.86 40.35 29.65
CA GLU B 286 4.69 39.85 30.37
C GLU B 286 3.53 39.55 29.43
N LYS B 287 3.40 40.35 28.37
CA LYS B 287 2.31 40.25 27.41
C LYS B 287 2.29 38.93 26.62
N LYS B 288 3.45 38.55 26.08
CA LYS B 288 3.57 37.37 25.21
C LYS B 288 3.36 36.06 25.96
N ALA B 289 3.59 36.09 27.28
CA ALA B 289 3.29 34.97 28.16
C ALA B 289 1.78 34.87 28.38
N ARG B 290 1.15 36.01 28.64
CA ARG B 290 -0.31 36.08 28.86
C ARG B 290 -1.14 35.42 27.76
N MET B 291 -0.76 35.60 26.49
CA MET B 291 -1.48 34.94 25.40
C MET B 291 -1.15 33.44 25.24
N GLY B 292 0.12 33.09 25.39
CA GLY B 292 0.53 31.68 25.35
C GLY B 292 -0.12 30.87 26.47
N VAL B 293 -0.25 31.49 27.63
CA VAL B 293 -0.91 30.84 28.78
C VAL B 293 -2.33 30.42 28.47
N VAL B 294 -3.05 31.28 27.76
CA VAL B 294 -4.48 31.09 27.53
C VAL B 294 -4.76 29.75 26.85
N GLU B 295 -4.12 29.52 25.69
CA GLU B 295 -4.36 28.28 24.96
C GLU B 295 -3.84 27.05 25.71
N CYS B 296 -2.72 27.19 26.39
CA CYS B 296 -2.12 26.05 27.10
C CYS B 296 -2.97 25.61 28.29
N ALA B 297 -3.46 26.57 29.07
CA ALA B 297 -4.31 26.28 30.23
C ALA B 297 -5.65 25.70 29.78
N LYS B 298 -6.19 26.25 28.69
CA LYS B 298 -7.44 25.78 28.10
C LYS B 298 -7.41 24.30 27.76
N HIS B 299 -6.30 23.83 27.19
CA HIS B 299 -6.17 22.43 26.80
C HIS B 299 -5.41 21.59 27.83
N GLU B 300 -5.37 22.09 29.07
CA GLU B 300 -4.91 21.33 30.23
C GLU B 300 -3.42 20.98 30.21
N LEU B 301 -2.66 21.67 29.37
CA LEU B 301 -1.21 21.49 29.33
C LEU B 301 -0.56 22.16 30.53
N LEU B 302 -1.20 23.21 31.04
CA LEU B 302 -0.76 23.91 32.24
C LEU B 302 -1.84 23.80 33.27
N GLN B 303 -1.46 23.50 34.51
CA GLN B 303 -2.40 23.42 35.62
C GLN B 303 -2.24 24.70 36.43
N PRO B 304 -3.36 25.40 36.71
CA PRO B 304 -3.26 26.62 37.53
C PRO B 304 -3.21 26.35 39.01
N PHE B 305 -2.56 27.27 39.72
CA PHE B 305 -2.56 27.31 41.17
C PHE B 305 -3.27 28.61 41.53
N ASN B 306 -4.60 28.52 41.63
CA ASN B 306 -5.45 29.68 41.78
C ASN B 306 -5.29 30.32 43.15
N VAL B 307 -5.59 31.62 43.19
CA VAL B 307 -5.54 32.39 44.44
C VAL B 307 -6.92 32.31 45.08
N LEU B 308 -7.00 31.67 46.23
CA LEU B 308 -8.25 31.39 46.92
C LEU B 308 -8.37 32.24 48.18
N TYR B 309 -9.61 32.50 48.60
CA TYR B 309 -9.86 33.39 49.75
C TYR B 309 -10.90 32.81 50.68
N GLU B 310 -10.68 33.01 51.98
CA GLU B 310 -11.75 32.87 52.98
C GLU B 310 -12.56 34.18 53.08
N LYS B 311 -13.61 34.16 53.90
CA LYS B 311 -14.47 35.34 54.05
C LYS B 311 -13.67 36.54 54.57
N GLU B 312 -14.04 37.73 54.09
CA GLU B 312 -13.40 38.97 54.55
C GLU B 312 -13.45 39.03 56.08
N GLY B 313 -12.34 39.43 56.69
CA GLY B 313 -12.22 39.58 58.14
C GLY B 313 -11.71 38.34 58.87
N GLU B 314 -11.81 37.18 58.21
CA GLU B 314 -11.24 35.94 58.76
C GLU B 314 -9.75 35.84 58.46
N PHE B 315 -9.09 34.91 59.16
CA PHE B 315 -7.65 34.68 59.04
C PHE B 315 -7.38 33.25 58.67
N VAL B 316 -6.37 33.06 57.80
CA VAL B 316 -5.94 31.71 57.43
C VAL B 316 -4.47 31.60 57.80
N ALA B 317 -4.12 30.56 58.57
CA ALA B 317 -2.71 30.30 58.91
C ALA B 317 -2.22 29.05 58.24
N GLN B 318 -0.92 28.99 57.97
CA GLN B 318 -0.31 27.86 57.27
C GLN B 318 1.06 27.52 57.82
N PHE B 319 1.30 26.21 57.97
CA PHE B 319 2.65 25.70 58.20
C PHE B 319 2.83 24.52 57.29
N LYS B 320 3.92 24.54 56.54
CA LYS B 320 4.23 23.44 55.62
CA LYS B 320 4.23 23.45 55.59
C LYS B 320 5.67 23.04 55.85
N PHE B 321 5.91 21.73 55.86
CA PHE B 321 7.29 21.28 56.06
C PHE B 321 7.49 20.03 55.23
N THR B 322 8.73 19.80 54.87
CA THR B 322 9.04 18.57 54.12
C THR B 322 9.72 17.56 55.06
N VAL B 323 9.29 16.30 54.97
CA VAL B 323 9.80 15.29 55.89
C VAL B 323 10.19 14.03 55.10
N LEU B 324 11.31 13.45 55.50
CA LEU B 324 11.88 12.21 54.91
C LEU B 324 11.63 11.05 55.90
N LEU B 325 10.93 10.02 55.44
CA LEU B 325 10.61 8.89 56.31
C LEU B 325 11.79 7.93 56.27
N MET B 326 12.78 8.21 57.12
CA MET B 326 14.01 7.42 57.16
C MET B 326 13.77 6.16 58.01
N PRO B 327 14.58 5.10 57.79
CA PRO B 327 14.43 3.90 58.64
C PRO B 327 14.42 4.21 60.14
N ASN B 328 15.28 5.13 60.58
CA ASN B 328 15.35 5.51 62.00
C ASN B 328 14.27 6.50 62.49
N GLY B 329 13.40 6.95 61.59
CA GLY B 329 12.29 7.81 61.98
C GLY B 329 12.19 9.04 61.08
N PRO B 330 11.07 9.79 61.18
CA PRO B 330 10.88 10.97 60.30
C PRO B 330 11.96 12.03 60.48
N MET B 331 12.48 12.54 59.37
CA MET B 331 13.51 13.58 59.43
C MET B 331 13.02 14.82 58.71
N ARG B 332 12.70 15.87 59.48
CA ARG B 332 12.17 17.09 58.88
C ARG B 332 13.32 17.89 58.29
N ILE B 333 13.17 18.35 57.05
CA ILE B 333 14.26 19.09 56.38
C ILE B 333 13.95 20.58 56.18
N THR B 334 12.70 20.97 56.40
CA THR B 334 12.34 22.40 56.41
C THR B 334 11.41 22.70 57.59
N SER B 335 11.39 23.96 58.00
CA SER B 335 10.46 24.40 59.04
C SER B 335 10.54 25.92 59.12
N GLY B 336 9.49 26.53 59.66
CA GLY B 336 9.54 27.97 59.91
C GLY B 336 9.97 28.26 61.34
N PRO B 337 10.44 29.49 61.58
CA PRO B 337 10.91 29.93 62.89
C PRO B 337 9.73 30.27 63.80
N PHE B 338 9.06 29.25 64.31
CA PHE B 338 7.87 29.44 65.14
C PHE B 338 8.22 29.68 66.61
N GLU B 339 7.66 30.74 67.19
CA GLU B 339 7.87 31.08 68.60
C GLU B 339 6.53 30.98 69.36
N PRO B 340 6.29 29.86 70.08
CA PRO B 340 4.98 29.65 70.71
C PRO B 340 4.56 30.71 71.72
N ASP B 341 5.53 31.28 72.44
CA ASP B 341 5.22 32.26 73.50
C ASP B 341 4.68 33.58 72.97
N LEU B 342 4.70 33.74 71.65
CA LEU B 342 4.16 34.94 71.02
C LEU B 342 2.63 34.98 70.94
N TYR B 343 2.00 33.82 71.09
CA TYR B 343 0.57 33.68 70.82
C TYR B 343 -0.16 33.26 72.08
N LYS B 344 -1.19 34.02 72.42
CA LYS B 344 -2.01 33.72 73.59
C LYS B 344 -3.46 33.53 73.13
N SER B 345 -4.01 32.33 73.32
CA SER B 345 -5.40 32.04 73.01
C SER B 345 -6.20 31.79 74.27
N GLU B 346 -7.48 32.16 74.24
CA GLU B 346 -8.45 31.85 75.30
C GLU B 346 -8.62 30.31 75.40
N MET B 347 -8.32 29.62 74.29
CA MET B 347 -8.58 28.18 74.18
C MET B 347 -7.31 27.33 74.25
N GLU B 348 -7.50 26.03 74.53
CA GLU B 348 -6.44 25.04 74.46
C GLU B 348 -7.01 23.67 74.13
N VAL B 349 -6.15 22.76 73.69
CA VAL B 349 -6.57 21.40 73.40
C VAL B 349 -7.01 20.76 74.72
N GLN B 350 -8.21 20.19 74.73
CA GLN B 350 -8.76 19.57 75.93
C GLN B 350 -8.76 18.05 75.86
N ASP B 351 -8.71 17.52 74.63
CA ASP B 351 -8.80 16.07 74.37
C ASP B 351 -7.57 15.35 74.91
N ALA B 352 -7.82 14.35 75.76
CA ALA B 352 -6.76 13.65 76.46
C ALA B 352 -5.71 13.00 75.53
N GLU B 353 -6.18 12.29 74.51
CA GLU B 353 -5.28 11.59 73.58
C GLU B 353 -4.49 12.59 72.75
N LEU B 354 -5.15 13.68 72.36
CA LEU B 354 -4.52 14.73 71.57
C LEU B 354 -3.44 15.41 72.37
N LYS B 355 -3.75 15.77 73.62
CA LYS B 355 -2.79 16.35 74.55
C LYS B 355 -1.58 15.43 74.73
N ALA B 356 -1.83 14.14 74.85
CA ALA B 356 -0.77 13.15 74.99
C ALA B 356 0.12 13.15 73.75
N LEU B 357 -0.52 13.09 72.58
CA LEU B 357 0.20 13.13 71.31
C LEU B 357 1.13 14.35 71.22
N LEU B 358 0.61 15.52 71.57
CA LEU B 358 1.35 16.78 71.40
C LEU B 358 2.51 16.95 72.38
N GLN B 359 2.41 16.31 73.55
CA GLN B 359 3.47 16.36 74.55
C GLN B 359 4.58 15.35 74.27
N SER B 360 4.28 14.31 73.48
CA SER B 360 5.25 13.28 73.12
C SER B 360 6.35 13.84 72.22
N SER B 361 7.50 13.18 72.23
CA SER B 361 8.66 13.64 71.47
C SER B 361 8.52 13.32 69.98
N ALA B 362 9.09 14.19 69.15
CA ALA B 362 9.07 14.02 67.70
C ALA B 362 10.41 13.48 67.20
#